data_4PPB
#
_entry.id   4PPB
#
_cell.length_a   39.937
_cell.length_b   94.407
_cell.length_c   156.206
_cell.angle_alpha   90.00
_cell.angle_beta   90.00
_cell.angle_gamma   90.00
#
_symmetry.space_group_name_H-M   'P 21 21 21'
#
loop_
_entity.id
_entity.type
_entity.pdbx_description
1 polymer 'Tyrosine-protein kinase ITK/TSK'
2 non-polymer N-{1-[(1S)-3-(dimethylamino)-1-phenylpropyl]-1H-pyrazol-4-yl}-6-(1H-pyrazol-4-yl)-1H-indazole-3-carboxamide
#
_entity_poly.entity_id   1
_entity_poly.type   'polypeptide(L)'
_entity_poly.pdbx_seq_one_letter_code
;GSVIDPSELTFVQEIGSGQFGLVHLGYWLNKDKVAIKTIREGAMSEEDFIEEAEVMMKLSHPKLVQLYGVCLEQAPICLV
FEFMEHGCLSDYLRTQRGLFAAETLLGMCLDVCEGMAYLEEACVIHRDLAARNCLVGENQVIKVSDFGMTRFVLDDQETS
STGTKFPVKWASPEVFSFSRYSSKSDVWSFGVLMWEVFSEGKIPYENRSNSEVVEDISTGFRLYKPRLASTHVYQIMNHC
WKERPEDRPAFSRLLRQLAEIAESGL
;
_entity_poly.pdbx_strand_id   A,B
#
# COMPACT_ATOMS: atom_id res chain seq x y z
N SER A 2 7.68 10.52 16.54
CA SER A 2 7.22 9.29 17.17
C SER A 2 8.38 8.55 17.86
N VAL A 3 8.55 8.81 19.19
CA VAL A 3 9.60 8.24 20.03
C VAL A 3 9.23 6.81 20.45
N ILE A 4 10.21 5.89 20.45
CA ILE A 4 10.02 4.51 20.89
C ILE A 4 10.71 4.34 22.25
N ASP A 5 9.91 3.97 23.27
CA ASP A 5 10.36 3.73 24.64
C ASP A 5 11.22 2.45 24.65
N PRO A 6 12.42 2.47 25.29
CA PRO A 6 13.30 1.27 25.28
C PRO A 6 12.64 -0.06 25.66
N SER A 7 11.71 -0.05 26.65
CA SER A 7 10.96 -1.21 27.16
C SER A 7 10.31 -2.00 26.04
N GLU A 8 9.85 -1.30 25.00
CA GLU A 8 9.19 -1.85 23.84
C GLU A 8 10.17 -2.62 22.94
N LEU A 9 11.48 -2.31 23.03
CA LEU A 9 12.54 -2.93 22.22
C LEU A 9 13.30 -4.04 22.91
N THR A 10 13.60 -5.11 22.15
CA THR A 10 14.38 -6.27 22.58
C THR A 10 15.46 -6.52 21.52
N PHE A 11 16.74 -6.44 21.89
CA PHE A 11 17.84 -6.71 20.97
C PHE A 11 17.99 -8.21 20.87
N VAL A 12 18.37 -8.72 19.68
CA VAL A 12 18.51 -10.16 19.47
C VAL A 12 19.96 -10.56 19.15
N GLN A 13 20.49 -10.07 18.03
CA GLN A 13 21.83 -10.38 17.53
C GLN A 13 22.28 -9.26 16.58
N GLU A 14 23.59 -9.21 16.27
CA GLU A 14 24.14 -8.24 15.33
C GLU A 14 23.99 -8.81 13.94
N ILE A 15 23.56 -7.98 12.95
CA ILE A 15 23.33 -8.40 11.57
C ILE A 15 24.25 -7.67 10.58
N GLY A 16 25.53 -7.59 10.93
CA GLY A 16 26.55 -6.92 10.14
C GLY A 16 26.77 -5.48 10.54
N SER A 17 27.78 -4.83 9.96
CA SER A 17 28.08 -3.44 10.29
C SER A 17 28.55 -2.57 9.12
N GLY A 18 27.88 -1.41 8.97
CA GLY A 18 28.22 -0.37 8.02
C GLY A 18 29.12 0.65 8.71
N GLN A 19 29.67 1.63 7.95
CA GLN A 19 30.56 2.65 8.52
C GLN A 19 29.87 3.57 9.54
N PHE A 20 28.61 3.97 9.23
CA PHE A 20 27.79 4.83 10.09
C PHE A 20 26.53 4.12 10.61
N GLY A 21 26.73 3.21 11.57
CA GLY A 21 25.65 2.46 12.21
C GLY A 21 25.84 0.97 12.37
N LEU A 22 25.98 0.51 13.64
CA LEU A 22 26.07 -0.90 14.01
C LEU A 22 24.63 -1.43 14.07
N VAL A 23 24.26 -2.25 13.07
CA VAL A 23 22.90 -2.79 12.96
C VAL A 23 22.71 -4.02 13.86
N HIS A 24 21.51 -4.12 14.45
CA HIS A 24 21.08 -5.20 15.33
C HIS A 24 19.69 -5.66 14.89
N LEU A 25 19.44 -6.99 14.89
CA LEU A 25 18.11 -7.51 14.64
C LEU A 25 17.40 -7.43 15.99
N GLY A 26 16.19 -6.92 15.99
CA GLY A 26 15.43 -6.78 17.22
C GLY A 26 13.95 -7.04 17.10
N TYR A 27 13.29 -7.22 18.26
CA TYR A 27 11.85 -7.39 18.35
C TYR A 27 11.26 -6.14 18.97
N TRP A 28 10.23 -5.63 18.32
CA TRP A 28 9.53 -4.43 18.74
C TRP A 28 8.14 -4.82 19.18
N LEU A 29 7.81 -4.53 20.43
CA LEU A 29 6.52 -4.84 21.01
C LEU A 29 5.60 -3.63 20.84
N ASN A 30 4.66 -3.73 19.90
CA ASN A 30 3.75 -2.65 19.59
C ASN A 30 2.37 -2.85 20.23
N LYS A 31 1.85 -1.79 20.90
CA LYS A 31 0.53 -1.80 21.57
C LYS A 31 -0.47 -1.11 20.64
N ASP A 32 -0.75 -1.76 19.49
CA ASP A 32 -1.64 -1.25 18.44
C ASP A 32 -3.10 -1.55 18.71
N LYS A 33 -3.98 -0.56 18.41
CA LYS A 33 -5.44 -0.68 18.52
C LYS A 33 -5.93 -1.61 17.42
N VAL A 34 -6.89 -2.48 17.74
CA VAL A 34 -7.55 -3.42 16.82
C VAL A 34 -9.05 -3.54 17.17
N ALA A 35 -9.85 -4.03 16.22
CA ALA A 35 -11.27 -4.32 16.41
C ALA A 35 -11.38 -5.84 16.45
N ILE A 36 -12.05 -6.36 17.47
CA ILE A 36 -12.20 -7.80 17.69
C ILE A 36 -13.68 -8.21 17.62
N LYS A 37 -13.99 -9.04 16.60
CA LYS A 37 -15.33 -9.57 16.34
C LYS A 37 -15.48 -10.89 17.06
N THR A 38 -16.61 -11.05 17.76
CA THR A 38 -16.95 -12.24 18.54
C THR A 38 -17.84 -13.18 17.69
N ILE A 39 -17.82 -14.50 17.98
CA ILE A 39 -18.62 -15.53 17.31
C ILE A 39 -20.11 -15.35 17.67
N GLU A 47 -11.98 -26.19 9.77
CA GLU A 47 -13.14 -26.97 10.18
C GLU A 47 -14.45 -26.19 9.91
N ASP A 48 -14.93 -25.42 10.90
CA ASP A 48 -16.16 -24.62 10.76
C ASP A 48 -15.91 -23.35 9.93
N PHE A 49 -14.98 -22.49 10.38
CA PHE A 49 -14.64 -21.23 9.72
C PHE A 49 -13.12 -21.03 9.57
N ILE A 50 -12.29 -22.04 9.95
CA ILE A 50 -10.83 -22.01 9.87
C ILE A 50 -10.36 -21.75 8.42
N GLU A 51 -11.02 -22.40 7.45
CA GLU A 51 -10.77 -22.28 6.01
C GLU A 51 -11.09 -20.89 5.46
N GLU A 52 -12.16 -20.24 5.98
CA GLU A 52 -12.60 -18.89 5.59
C GLU A 52 -11.57 -17.82 6.00
N ALA A 53 -10.86 -18.05 7.13
CA ALA A 53 -9.86 -17.15 7.72
C ALA A 53 -8.63 -16.95 6.86
N GLU A 54 -7.96 -18.04 6.44
CA GLU A 54 -6.76 -18.05 5.59
C GLU A 54 -6.99 -17.44 4.20
N VAL A 55 -8.25 -17.50 3.71
CA VAL A 55 -8.72 -16.96 2.43
C VAL A 55 -8.90 -15.43 2.56
N MET A 56 -9.58 -14.96 3.63
CA MET A 56 -9.82 -13.55 3.92
C MET A 56 -8.52 -12.77 4.12
N MET A 57 -7.45 -13.47 4.53
CA MET A 57 -6.10 -12.93 4.75
C MET A 57 -5.50 -12.49 3.41
N LYS A 58 -5.70 -13.32 2.36
CA LYS A 58 -5.23 -13.10 0.99
C LYS A 58 -5.89 -11.86 0.38
N LEU A 59 -7.17 -11.58 0.74
CA LEU A 59 -7.92 -10.41 0.26
C LEU A 59 -7.37 -9.13 0.89
N SER A 60 -6.28 -8.60 0.30
CA SER A 60 -5.62 -7.40 0.80
C SER A 60 -5.75 -6.24 -0.16
N HIS A 61 -6.44 -5.18 0.28
CA HIS A 61 -6.67 -3.97 -0.50
C HIS A 61 -6.78 -2.75 0.44
N PRO A 62 -6.24 -1.58 0.04
CA PRO A 62 -6.36 -0.39 0.90
C PRO A 62 -7.79 0.03 1.24
N LYS A 63 -8.79 -0.33 0.41
CA LYS A 63 -10.19 0.08 0.67
C LYS A 63 -11.07 -1.04 1.26
N LEU A 64 -10.42 -2.03 1.91
CA LEU A 64 -11.08 -3.14 2.57
C LEU A 64 -10.53 -3.29 3.98
N VAL A 65 -11.41 -3.40 4.98
CA VAL A 65 -11.02 -3.58 6.38
C VAL A 65 -10.26 -4.90 6.48
N GLN A 66 -8.97 -4.79 6.78
CA GLN A 66 -8.06 -5.92 6.83
C GLN A 66 -8.27 -6.86 8.04
N LEU A 67 -8.17 -8.18 7.77
CA LEU A 67 -8.17 -9.23 8.76
C LEU A 67 -6.69 -9.47 9.13
N TYR A 68 -6.39 -9.35 10.43
CA TYR A 68 -5.05 -9.52 10.98
C TYR A 68 -4.77 -10.96 11.46
N GLY A 69 -5.82 -11.66 11.91
CA GLY A 69 -5.72 -13.02 12.40
C GLY A 69 -6.94 -13.47 13.18
N VAL A 70 -6.90 -14.71 13.70
CA VAL A 70 -8.00 -15.34 14.44
C VAL A 70 -7.49 -15.96 15.75
N CYS A 71 -8.30 -15.89 16.81
CA CYS A 71 -8.01 -16.47 18.13
C CYS A 71 -8.96 -17.66 18.33
N LEU A 72 -8.39 -18.87 18.49
CA LEU A 72 -9.17 -20.11 18.58
C LEU A 72 -9.12 -20.85 19.91
N GLU A 73 -8.36 -20.37 20.90
CA GLU A 73 -8.23 -21.03 22.21
C GLU A 73 -9.48 -20.92 23.08
N GLN A 74 -10.51 -21.71 22.69
CA GLN A 74 -11.85 -21.87 23.29
C GLN A 74 -12.54 -20.53 23.66
N ALA A 75 -13.60 -20.57 24.54
CA ALA A 75 -14.42 -19.44 24.98
C ALA A 75 -15.01 -18.71 23.74
N PRO A 76 -15.46 -17.42 23.73
CA PRO A 76 -15.92 -16.84 22.46
C PRO A 76 -14.73 -16.70 21.50
N ILE A 77 -14.85 -17.25 20.28
CA ILE A 77 -13.80 -17.23 19.25
C ILE A 77 -13.66 -15.82 18.63
N CYS A 78 -12.44 -15.26 18.69
CA CYS A 78 -12.11 -13.92 18.19
C CYS A 78 -11.66 -13.90 16.74
N LEU A 79 -11.80 -12.72 16.10
CA LEU A 79 -11.38 -12.37 14.75
C LEU A 79 -10.77 -10.97 14.90
N VAL A 80 -9.49 -10.83 14.58
CA VAL A 80 -8.77 -9.57 14.74
C VAL A 80 -8.77 -8.76 13.44
N PHE A 81 -9.42 -7.60 13.47
CA PHE A 81 -9.52 -6.72 12.31
C PHE A 81 -8.79 -5.42 12.53
N GLU A 82 -8.59 -4.70 11.43
CA GLU A 82 -7.99 -3.37 11.36
C GLU A 82 -8.91 -2.38 12.12
N PHE A 83 -8.35 -1.57 13.03
CA PHE A 83 -9.15 -0.57 13.73
C PHE A 83 -9.44 0.63 12.83
N MET A 84 -10.73 1.05 12.77
CA MET A 84 -11.19 2.16 11.94
C MET A 84 -11.65 3.31 12.83
N GLU A 85 -10.75 4.25 13.06
CA GLU A 85 -10.80 5.44 13.93
C GLU A 85 -12.17 6.12 14.09
N HIS A 86 -12.98 6.27 13.03
CA HIS A 86 -14.24 7.03 13.13
C HIS A 86 -15.55 6.20 13.15
N GLY A 87 -15.47 4.88 13.17
CA GLY A 87 -16.66 4.02 13.22
C GLY A 87 -17.41 3.86 11.92
N CYS A 88 -18.71 3.46 12.00
CA CYS A 88 -19.52 3.21 10.80
C CYS A 88 -19.92 4.49 10.05
N LEU A 89 -19.89 4.41 8.72
CA LEU A 89 -20.21 5.48 7.77
C LEU A 89 -21.65 5.99 7.91
N SER A 90 -22.63 5.10 8.18
CA SER A 90 -24.03 5.53 8.36
C SER A 90 -24.19 6.55 9.50
N ASP A 91 -23.57 6.28 10.67
CA ASP A 91 -23.61 7.18 11.84
C ASP A 91 -22.77 8.42 11.59
N TYR A 92 -21.62 8.25 10.89
CA TYR A 92 -20.70 9.32 10.55
C TYR A 92 -21.38 10.38 9.67
N LEU A 93 -22.15 9.92 8.65
CA LEU A 93 -22.91 10.78 7.75
C LEU A 93 -24.01 11.55 8.49
N ARG A 94 -24.79 10.85 9.35
CA ARG A 94 -25.88 11.42 10.14
C ARG A 94 -25.44 12.54 11.10
N THR A 95 -24.28 12.39 11.79
CA THR A 95 -23.81 13.40 12.75
C THR A 95 -23.27 14.67 12.05
N GLN A 96 -22.72 14.52 10.84
CA GLN A 96 -22.14 15.63 10.07
C GLN A 96 -23.08 16.08 8.95
N ARG A 97 -24.40 15.82 9.10
CA ARG A 97 -25.40 16.17 8.09
C ARG A 97 -25.56 17.68 7.96
N GLY A 98 -25.53 18.16 6.71
CA GLY A 98 -25.63 19.56 6.35
C GLY A 98 -24.27 20.25 6.37
N LEU A 99 -23.22 19.47 6.70
CA LEU A 99 -21.83 19.91 6.82
C LEU A 99 -20.99 19.46 5.62
N PHE A 100 -21.44 18.43 4.87
CA PHE A 100 -20.70 17.88 3.73
C PHE A 100 -20.80 18.63 2.42
N ALA A 101 -19.70 18.60 1.67
CA ALA A 101 -19.56 19.11 0.31
C ALA A 101 -19.72 17.89 -0.63
N ALA A 102 -20.32 18.11 -1.81
CA ALA A 102 -20.55 17.05 -2.81
C ALA A 102 -19.27 16.31 -3.23
N GLU A 103 -18.10 16.99 -3.21
CA GLU A 103 -16.80 16.44 -3.58
C GLU A 103 -16.32 15.43 -2.53
N THR A 104 -16.62 15.70 -1.24
CA THR A 104 -16.30 14.80 -0.13
C THR A 104 -17.08 13.49 -0.28
N LEU A 105 -18.41 13.60 -0.55
CA LEU A 105 -19.34 12.49 -0.71
C LEU A 105 -19.06 11.63 -1.97
N LEU A 106 -18.60 12.25 -3.08
CA LEU A 106 -18.21 11.48 -4.27
C LEU A 106 -16.92 10.69 -3.92
N GLY A 107 -16.01 11.32 -3.19
CA GLY A 107 -14.80 10.69 -2.70
C GLY A 107 -15.05 9.46 -1.86
N MET A 108 -16.17 9.45 -1.08
CA MET A 108 -16.55 8.31 -0.24
C MET A 108 -17.04 7.14 -1.09
N CYS A 109 -17.81 7.44 -2.16
CA CYS A 109 -18.33 6.43 -3.09
C CYS A 109 -17.21 5.84 -3.93
N LEU A 110 -16.20 6.66 -4.29
CA LEU A 110 -15.04 6.17 -5.06
C LEU A 110 -14.24 5.18 -4.23
N ASP A 111 -14.09 5.49 -2.92
CA ASP A 111 -13.41 4.64 -1.94
C ASP A 111 -14.07 3.27 -1.92
N VAL A 112 -15.40 3.20 -1.71
CA VAL A 112 -16.19 1.97 -1.68
C VAL A 112 -16.03 1.20 -3.00
N CYS A 113 -16.22 1.90 -4.13
CA CYS A 113 -16.12 1.34 -5.48
C CYS A 113 -14.74 0.70 -5.76
N GLU A 114 -13.66 1.32 -5.27
CA GLU A 114 -12.30 0.76 -5.41
C GLU A 114 -12.19 -0.63 -4.77
N GLY A 115 -12.69 -0.76 -3.53
CA GLY A 115 -12.68 -2.01 -2.77
C GLY A 115 -13.56 -3.10 -3.35
N MET A 116 -14.70 -2.68 -3.90
CA MET A 116 -15.69 -3.54 -4.52
C MET A 116 -15.23 -4.11 -5.86
N ALA A 117 -14.48 -3.31 -6.64
CA ALA A 117 -13.88 -3.71 -7.91
C ALA A 117 -12.83 -4.81 -7.66
N TYR A 118 -12.10 -4.73 -6.54
CA TYR A 118 -11.11 -5.71 -6.14
C TYR A 118 -11.84 -7.01 -5.79
N LEU A 119 -12.96 -6.89 -5.04
CA LEU A 119 -13.74 -8.05 -4.64
C LEU A 119 -14.41 -8.74 -5.84
N GLU A 120 -14.80 -7.95 -6.86
CA GLU A 120 -15.38 -8.45 -8.11
C GLU A 120 -14.31 -9.28 -8.88
N GLU A 121 -13.08 -8.72 -9.01
CA GLU A 121 -11.92 -9.34 -9.65
C GLU A 121 -11.55 -10.66 -8.93
N ALA A 122 -11.65 -10.66 -7.57
CA ALA A 122 -11.39 -11.83 -6.72
C ALA A 122 -12.55 -12.83 -6.71
N CYS A 123 -13.72 -12.46 -7.31
CA CYS A 123 -14.94 -13.27 -7.37
C CYS A 123 -15.57 -13.49 -5.98
N VAL A 124 -15.59 -12.42 -5.18
CA VAL A 124 -16.15 -12.38 -3.83
C VAL A 124 -17.45 -11.61 -3.89
N ILE A 125 -18.52 -12.17 -3.31
CA ILE A 125 -19.81 -11.51 -3.26
C ILE A 125 -19.96 -11.00 -1.84
N HIS A 126 -20.27 -9.70 -1.69
CA HIS A 126 -20.46 -9.10 -0.37
C HIS A 126 -21.72 -9.63 0.32
N ARG A 127 -22.90 -9.47 -0.33
CA ARG A 127 -24.25 -9.85 0.12
C ARG A 127 -24.90 -8.82 1.06
N ASP A 128 -24.11 -7.84 1.56
CA ASP A 128 -24.64 -6.84 2.50
C ASP A 128 -23.96 -5.48 2.38
N LEU A 129 -23.77 -5.01 1.14
CA LEU A 129 -23.15 -3.71 0.96
C LEU A 129 -24.11 -2.57 1.36
N ALA A 130 -23.78 -1.89 2.46
CA ALA A 130 -24.52 -0.77 3.02
C ALA A 130 -23.55 0.16 3.74
N ALA A 131 -23.95 1.44 3.92
CA ALA A 131 -23.13 2.44 4.61
C ALA A 131 -22.74 2.01 6.02
N ARG A 132 -23.65 1.29 6.75
CA ARG A 132 -23.43 0.74 8.10
C ARG A 132 -22.30 -0.34 8.12
N ASN A 133 -22.08 -1.04 6.98
CA ASN A 133 -21.04 -2.06 6.81
C ASN A 133 -19.72 -1.46 6.28
N CYS A 134 -19.71 -0.14 6.06
CA CYS A 134 -18.53 0.61 5.62
C CYS A 134 -18.04 1.40 6.80
N LEU A 135 -16.71 1.57 6.90
CA LEU A 135 -16.11 2.25 8.05
C LEU A 135 -15.22 3.39 7.68
N VAL A 136 -15.20 4.44 8.52
CA VAL A 136 -14.39 5.64 8.33
C VAL A 136 -13.08 5.54 9.14
N GLY A 137 -11.95 5.72 8.46
CA GLY A 137 -10.63 5.69 9.06
C GLY A 137 -9.90 7.02 8.95
N GLU A 138 -8.55 6.99 8.94
CA GLU A 138 -7.69 8.17 8.82
C GLU A 138 -7.94 8.98 7.54
N ASN A 139 -8.07 10.32 7.69
CA ASN A 139 -8.28 11.32 6.64
C ASN A 139 -9.59 11.09 5.83
N GLN A 140 -10.67 10.70 6.55
CA GLN A 140 -11.99 10.40 5.99
C GLN A 140 -11.99 9.26 4.95
N VAL A 141 -11.02 8.32 5.05
CA VAL A 141 -10.95 7.16 4.14
C VAL A 141 -12.09 6.18 4.45
N ILE A 142 -12.77 5.69 3.41
CA ILE A 142 -13.86 4.72 3.57
C ILE A 142 -13.37 3.36 3.12
N LYS A 143 -13.47 2.37 3.99
CA LYS A 143 -13.10 0.98 3.70
C LYS A 143 -14.32 0.08 3.86
N VAL A 144 -14.40 -0.97 3.02
CA VAL A 144 -15.51 -1.93 3.04
C VAL A 144 -15.24 -3.04 4.07
N SER A 145 -16.28 -3.43 4.85
CA SER A 145 -16.19 -4.48 5.85
C SER A 145 -17.37 -5.44 5.79
N ASP A 146 -17.32 -6.53 6.58
CA ASP A 146 -18.32 -7.59 6.72
C ASP A 146 -18.57 -8.37 5.42
N PHE A 147 -17.47 -8.81 4.77
CA PHE A 147 -17.54 -9.59 3.55
C PHE A 147 -17.04 -11.00 3.83
N GLY A 148 -17.95 -11.97 3.72
CA GLY A 148 -17.70 -13.38 3.96
C GLY A 148 -18.93 -14.26 3.77
N PRO A 167 -33.31 -5.46 5.57
CA PRO A 167 -32.34 -6.07 4.64
C PRO A 167 -32.71 -5.89 3.15
N VAL A 168 -34.03 -5.90 2.86
CA VAL A 168 -34.67 -5.76 1.54
C VAL A 168 -34.29 -4.44 0.83
N LYS A 169 -34.18 -3.33 1.58
CA LYS A 169 -33.88 -1.99 1.07
C LYS A 169 -32.65 -1.93 0.12
N TRP A 170 -31.58 -2.69 0.44
CA TRP A 170 -30.34 -2.77 -0.35
C TRP A 170 -30.35 -3.91 -1.37
N ALA A 171 -31.30 -4.85 -1.24
CA ALA A 171 -31.41 -6.02 -2.09
C ALA A 171 -32.03 -5.74 -3.46
N SER A 172 -31.46 -6.37 -4.50
CA SER A 172 -31.93 -6.27 -5.88
C SER A 172 -33.12 -7.22 -6.09
N PRO A 173 -33.97 -7.08 -7.16
CA PRO A 173 -35.12 -7.99 -7.32
C PRO A 173 -34.80 -9.48 -7.24
N GLU A 174 -33.72 -9.97 -7.89
CA GLU A 174 -33.35 -11.39 -7.82
C GLU A 174 -32.95 -11.87 -6.42
N VAL A 175 -32.43 -10.95 -5.57
CA VAL A 175 -32.01 -11.29 -4.21
C VAL A 175 -33.22 -11.38 -3.28
N PHE A 176 -34.11 -10.36 -3.28
CA PHE A 176 -35.28 -10.45 -2.41
C PHE A 176 -36.29 -11.52 -2.89
N SER A 177 -36.38 -11.74 -4.21
CA SER A 177 -37.31 -12.74 -4.75
C SER A 177 -36.77 -14.16 -4.77
N PHE A 178 -35.48 -14.36 -5.15
CA PHE A 178 -34.90 -15.71 -5.28
C PHE A 178 -33.58 -15.96 -4.56
N SER A 179 -32.97 -14.93 -3.95
CA SER A 179 -31.65 -15.00 -3.27
C SER A 179 -30.52 -15.36 -4.27
N ARG A 180 -30.56 -14.73 -5.47
CA ARG A 180 -29.60 -14.93 -6.57
C ARG A 180 -28.44 -13.92 -6.54
N TYR A 181 -27.52 -14.13 -5.58
CA TYR A 181 -26.33 -13.30 -5.39
C TYR A 181 -25.32 -13.45 -6.54
N SER A 182 -24.67 -12.33 -6.86
CA SER A 182 -23.65 -12.14 -7.90
C SER A 182 -23.02 -10.78 -7.62
N SER A 183 -21.95 -10.38 -8.36
CA SER A 183 -21.37 -9.05 -8.14
C SER A 183 -22.31 -7.95 -8.64
N LYS A 184 -23.25 -8.32 -9.55
CA LYS A 184 -24.25 -7.41 -10.09
C LYS A 184 -25.33 -7.03 -9.07
N SER A 185 -25.55 -7.89 -8.06
CA SER A 185 -26.50 -7.60 -6.98
C SER A 185 -25.79 -6.69 -5.97
N ASP A 186 -24.46 -6.83 -5.87
CA ASP A 186 -23.60 -5.98 -5.06
C ASP A 186 -23.60 -4.56 -5.68
N VAL A 187 -23.74 -4.46 -7.04
CA VAL A 187 -23.86 -3.21 -7.80
C VAL A 187 -25.19 -2.54 -7.41
N TRP A 188 -26.30 -3.33 -7.30
CA TRP A 188 -27.56 -2.75 -6.85
C TRP A 188 -27.40 -2.16 -5.46
N SER A 189 -26.82 -2.93 -4.54
CA SER A 189 -26.55 -2.47 -3.18
C SER A 189 -25.72 -1.17 -3.16
N PHE A 190 -24.71 -1.07 -4.06
CA PHE A 190 -23.82 0.07 -4.23
C PHE A 190 -24.56 1.37 -4.65
N GLY A 191 -25.61 1.22 -5.47
CA GLY A 191 -26.47 2.33 -5.89
C GLY A 191 -27.28 2.87 -4.73
N VAL A 192 -27.67 1.98 -3.81
CA VAL A 192 -28.41 2.33 -2.58
C VAL A 192 -27.42 3.03 -1.64
N LEU A 193 -26.15 2.54 -1.59
CA LEU A 193 -25.09 3.11 -0.78
C LEU A 193 -24.83 4.55 -1.20
N MET A 194 -24.63 4.76 -2.54
CA MET A 194 -24.41 6.07 -3.16
C MET A 194 -25.52 7.01 -2.72
N TRP A 195 -26.80 6.53 -2.72
CA TRP A 195 -27.96 7.30 -2.26
C TRP A 195 -27.78 7.68 -0.79
N GLU A 196 -27.43 6.70 0.09
CA GLU A 196 -27.20 6.96 1.52
C GLU A 196 -26.14 8.05 1.69
N VAL A 197 -25.01 7.93 0.99
CA VAL A 197 -23.90 8.89 1.03
C VAL A 197 -24.37 10.30 0.62
N PHE A 198 -24.93 10.43 -0.60
CA PHE A 198 -25.34 11.71 -1.15
C PHE A 198 -26.52 12.36 -0.43
N SER A 199 -27.35 11.57 0.29
CA SER A 199 -28.48 12.09 1.05
C SER A 199 -28.05 12.35 2.51
N GLU A 200 -26.74 12.15 2.78
CA GLU A 200 -26.07 12.33 4.07
C GLU A 200 -26.65 11.40 5.15
N GLY A 201 -26.67 10.10 4.85
CA GLY A 201 -27.11 9.03 5.74
C GLY A 201 -28.59 8.88 6.03
N LYS A 202 -29.45 9.17 5.04
CA LYS A 202 -30.89 9.00 5.22
C LYS A 202 -31.30 7.54 5.02
N ILE A 203 -32.50 7.16 5.50
CA ILE A 203 -32.99 5.79 5.37
C ILE A 203 -33.74 5.62 4.04
N PRO A 204 -33.28 4.68 3.17
CA PRO A 204 -33.96 4.49 1.88
C PRO A 204 -35.35 3.90 2.08
N TYR A 205 -36.37 4.45 1.39
CA TYR A 205 -37.78 4.02 1.50
C TYR A 205 -38.25 4.11 2.98
N GLU A 206 -37.81 5.19 3.68
CA GLU A 206 -37.96 5.53 5.09
C GLU A 206 -39.18 4.92 5.81
N ASN A 207 -40.40 5.28 5.41
CA ASN A 207 -41.61 4.85 6.10
C ASN A 207 -42.37 3.70 5.40
N ARG A 208 -41.63 2.86 4.63
CA ARG A 208 -42.20 1.71 3.94
C ARG A 208 -41.78 0.39 4.60
N SER A 209 -42.60 -0.65 4.45
CA SER A 209 -42.36 -2.00 4.99
C SER A 209 -41.63 -2.84 3.94
N ASN A 210 -41.01 -3.96 4.38
CA ASN A 210 -40.28 -4.91 3.52
C ASN A 210 -41.17 -5.46 2.41
N SER A 211 -42.49 -5.49 2.63
CA SER A 211 -43.48 -5.94 1.64
C SER A 211 -43.77 -4.79 0.67
N GLU A 212 -43.95 -3.55 1.21
CA GLU A 212 -44.19 -2.33 0.43
C GLU A 212 -43.03 -2.04 -0.53
N VAL A 213 -41.78 -2.12 -0.02
CA VAL A 213 -40.55 -1.90 -0.80
C VAL A 213 -40.53 -2.79 -2.04
N VAL A 214 -40.73 -4.13 -1.85
CA VAL A 214 -40.78 -5.17 -2.91
C VAL A 214 -41.75 -4.74 -3.98
N GLU A 215 -42.98 -4.37 -3.57
CA GLU A 215 -44.05 -3.92 -4.47
C GLU A 215 -43.61 -2.70 -5.28
N ASP A 216 -43.06 -1.68 -4.58
CA ASP A 216 -42.57 -0.42 -5.16
C ASP A 216 -41.49 -0.59 -6.26
N ILE A 217 -40.39 -1.31 -5.95
CA ILE A 217 -39.30 -1.55 -6.91
C ILE A 217 -39.80 -2.32 -8.14
N SER A 218 -40.65 -3.35 -7.92
CA SER A 218 -41.25 -4.21 -8.93
C SER A 218 -42.08 -3.40 -9.92
N THR A 219 -42.83 -2.39 -9.41
CA THR A 219 -43.65 -1.50 -10.24
C THR A 219 -42.75 -0.52 -11.00
N GLY A 220 -41.52 -0.33 -10.51
CA GLY A 220 -40.52 0.51 -11.15
C GLY A 220 -40.07 1.72 -10.38
N PHE A 221 -40.60 1.94 -9.16
CA PHE A 221 -40.23 3.08 -8.30
C PHE A 221 -38.74 3.03 -7.92
N ARG A 222 -38.10 4.22 -7.87
CA ARG A 222 -36.69 4.38 -7.51
C ARG A 222 -36.51 5.56 -6.56
N LEU A 223 -35.47 5.47 -5.69
CA LEU A 223 -35.11 6.50 -4.73
C LEU A 223 -34.85 7.80 -5.47
N TYR A 224 -35.36 8.93 -4.92
CA TYR A 224 -35.24 10.24 -5.56
C TYR A 224 -33.80 10.74 -5.64
N LYS A 225 -33.57 11.77 -6.46
CA LYS A 225 -32.26 12.38 -6.63
C LYS A 225 -31.96 13.31 -5.45
N PRO A 226 -30.94 13.03 -4.60
CA PRO A 226 -30.63 13.96 -3.49
C PRO A 226 -29.99 15.23 -4.06
N ARG A 227 -30.16 16.38 -3.38
CA ARG A 227 -29.67 17.67 -3.86
C ARG A 227 -28.16 17.69 -4.11
N LEU A 228 -27.37 17.06 -3.23
CA LEU A 228 -25.91 17.03 -3.37
C LEU A 228 -25.42 16.14 -4.51
N ALA A 229 -26.32 15.33 -5.09
CA ALA A 229 -25.96 14.48 -6.22
C ALA A 229 -26.26 15.20 -7.54
N SER A 230 -25.25 15.31 -8.43
CA SER A 230 -25.42 15.92 -9.75
C SER A 230 -26.35 15.05 -10.61
N THR A 231 -26.74 15.52 -11.80
CA THR A 231 -27.59 14.74 -12.68
C THR A 231 -26.83 13.49 -13.20
N HIS A 232 -25.50 13.59 -13.37
CA HIS A 232 -24.63 12.51 -13.83
C HIS A 232 -24.46 11.42 -12.76
N VAL A 233 -24.28 11.81 -11.48
CA VAL A 233 -24.19 10.89 -10.34
C VAL A 233 -25.53 10.10 -10.23
N TYR A 234 -26.68 10.80 -10.37
CA TYR A 234 -27.99 10.17 -10.32
C TYR A 234 -28.22 9.22 -11.52
N GLN A 235 -27.61 9.52 -12.70
CA GLN A 235 -27.65 8.64 -13.88
C GLN A 235 -26.96 7.29 -13.53
N ILE A 236 -25.83 7.36 -12.77
CA ILE A 236 -25.04 6.23 -12.29
C ILE A 236 -25.87 5.42 -11.32
N MET A 237 -26.57 6.09 -10.37
CA MET A 237 -27.43 5.43 -9.40
C MET A 237 -28.48 4.56 -10.07
N ASN A 238 -29.22 5.13 -11.06
CA ASN A 238 -30.26 4.42 -11.80
C ASN A 238 -29.75 3.30 -12.67
N HIS A 239 -28.47 3.39 -13.08
CA HIS A 239 -27.82 2.38 -13.88
C HIS A 239 -27.57 1.14 -13.01
N CYS A 240 -27.20 1.36 -11.74
CA CYS A 240 -27.00 0.32 -10.72
C CYS A 240 -28.33 -0.35 -10.38
N TRP A 241 -29.45 0.38 -10.58
CA TRP A 241 -30.82 -0.05 -10.25
C TRP A 241 -31.67 -0.60 -11.40
N LYS A 242 -31.06 -1.04 -12.50
CA LYS A 242 -31.82 -1.62 -13.60
C LYS A 242 -32.26 -3.04 -13.21
N GLU A 243 -33.51 -3.40 -13.54
CA GLU A 243 -34.16 -4.68 -13.24
C GLU A 243 -33.33 -5.91 -13.61
N ARG A 244 -32.72 -5.93 -14.80
CA ARG A 244 -31.89 -7.06 -15.25
C ARG A 244 -30.44 -6.89 -14.74
N PRO A 245 -29.88 -7.86 -13.98
CA PRO A 245 -28.48 -7.74 -13.50
C PRO A 245 -27.46 -7.54 -14.62
N GLU A 246 -27.71 -8.15 -15.79
CA GLU A 246 -26.89 -8.05 -17.00
C GLU A 246 -26.91 -6.63 -17.61
N ASP A 247 -27.91 -5.81 -17.25
CA ASP A 247 -28.04 -4.41 -17.68
C ASP A 247 -27.35 -3.41 -16.75
N ARG A 248 -26.86 -3.88 -15.58
CA ARG A 248 -26.19 -3.03 -14.59
C ARG A 248 -24.68 -2.97 -14.91
N PRO A 249 -23.98 -1.83 -14.67
CA PRO A 249 -22.54 -1.79 -14.99
C PRO A 249 -21.73 -2.61 -13.99
N ALA A 250 -20.55 -3.08 -14.42
CA ALA A 250 -19.63 -3.82 -13.55
C ALA A 250 -18.92 -2.82 -12.64
N PHE A 251 -18.32 -3.30 -11.54
CA PHE A 251 -17.61 -2.42 -10.63
C PHE A 251 -16.39 -1.77 -11.29
N SER A 252 -15.72 -2.50 -12.20
CA SER A 252 -14.59 -2.01 -12.99
C SER A 252 -15.02 -0.84 -13.88
N ARG A 253 -16.26 -0.89 -14.42
CA ARG A 253 -16.83 0.16 -15.25
C ARG A 253 -17.17 1.41 -14.39
N LEU A 254 -17.74 1.19 -13.19
CA LEU A 254 -18.11 2.24 -12.22
C LEU A 254 -16.88 2.94 -11.66
N LEU A 255 -15.76 2.20 -11.45
CA LEU A 255 -14.52 2.75 -10.90
C LEU A 255 -13.90 3.80 -11.84
N ARG A 256 -13.78 3.45 -13.12
CA ARG A 256 -13.27 4.37 -14.14
C ARG A 256 -14.19 5.61 -14.22
N GLN A 257 -15.52 5.40 -14.18
CA GLN A 257 -16.53 6.47 -14.25
C GLN A 257 -16.44 7.48 -13.10
N LEU A 258 -16.48 7.00 -11.84
CA LEU A 258 -16.40 7.86 -10.66
C LEU A 258 -15.01 8.46 -10.49
N ALA A 259 -13.94 7.77 -10.93
CA ALA A 259 -12.57 8.31 -10.86
C ALA A 259 -12.41 9.56 -11.76
N GLU A 260 -13.06 9.57 -12.93
CA GLU A 260 -13.04 10.70 -13.87
C GLU A 260 -13.80 11.91 -13.31
N ILE A 261 -15.03 11.70 -12.73
CA ILE A 261 -15.84 12.77 -12.12
C ILE A 261 -15.10 13.41 -10.94
N ALA A 262 -14.32 12.61 -10.19
CA ALA A 262 -13.54 13.09 -9.05
C ALA A 262 -12.38 14.01 -9.46
N GLU A 263 -11.53 13.56 -10.42
CA GLU A 263 -10.36 14.33 -10.85
C GLU A 263 -10.74 15.53 -11.77
N SER A 264 -11.88 15.46 -12.48
CA SER A 264 -12.29 16.58 -13.35
C SER A 264 -13.15 17.61 -12.58
N GLY A 265 -14.09 17.13 -11.77
CA GLY A 265 -14.98 17.96 -10.97
C GLY A 265 -16.43 17.91 -11.45
N SER B 2 -3.45 -16.93 9.75
CA SER B 2 -2.59 -16.90 10.94
C SER B 2 -3.40 -16.88 12.24
N VAL B 3 -2.90 -17.61 13.25
CA VAL B 3 -3.53 -17.75 14.57
C VAL B 3 -2.86 -16.80 15.58
N ILE B 4 -3.69 -16.13 16.40
CA ILE B 4 -3.26 -15.21 17.46
C ILE B 4 -3.63 -15.83 18.80
N ASP B 5 -2.65 -16.06 19.67
CA ASP B 5 -2.93 -16.64 20.98
C ASP B 5 -3.50 -15.56 21.92
N PRO B 6 -4.45 -15.92 22.82
CA PRO B 6 -5.10 -14.91 23.69
C PRO B 6 -4.18 -13.93 24.42
N SER B 7 -3.01 -14.41 24.89
CA SER B 7 -1.97 -13.68 25.63
C SER B 7 -1.63 -12.30 25.04
N GLU B 8 -1.66 -12.20 23.70
CA GLU B 8 -1.35 -10.98 22.94
C GLU B 8 -2.55 -10.04 22.88
N LEU B 9 -3.77 -10.59 22.99
CA LEU B 9 -5.01 -9.82 22.91
C LEU B 9 -5.49 -9.27 24.22
N THR B 10 -5.81 -7.97 24.22
CA THR B 10 -6.35 -7.27 25.39
C THR B 10 -7.66 -6.58 24.99
N PHE B 11 -8.76 -6.82 25.73
CA PHE B 11 -10.06 -6.21 25.48
C PHE B 11 -10.20 -4.92 26.26
N VAL B 12 -10.75 -3.90 25.60
CA VAL B 12 -10.97 -2.58 26.19
C VAL B 12 -12.49 -2.34 26.37
N GLN B 13 -13.24 -2.02 25.29
CA GLN B 13 -14.68 -1.76 25.39
C GLN B 13 -15.44 -2.23 24.15
N GLU B 14 -16.79 -2.28 24.23
CA GLU B 14 -17.67 -2.62 23.12
C GLU B 14 -17.74 -1.40 22.21
N ILE B 15 -17.71 -1.63 20.89
CA ILE B 15 -17.80 -0.58 19.87
C ILE B 15 -18.85 -0.98 18.81
N GLY B 16 -20.06 -1.21 19.29
CA GLY B 16 -21.19 -1.61 18.45
C GLY B 16 -21.29 -3.10 18.18
N SER B 17 -22.39 -3.51 17.50
CA SER B 17 -22.73 -4.87 17.10
C SER B 17 -23.79 -4.83 15.98
N GLY B 18 -23.46 -5.37 14.81
CA GLY B 18 -24.37 -5.43 13.67
C GLY B 18 -25.51 -6.40 13.93
N GLN B 19 -25.23 -7.71 13.77
CA GLN B 19 -26.13 -8.84 14.03
C GLN B 19 -25.30 -10.11 14.29
N PHE B 20 -24.14 -10.23 13.59
CA PHE B 20 -23.21 -11.35 13.75
C PHE B 20 -22.06 -11.00 14.69
N GLY B 21 -22.29 -11.20 15.98
CA GLY B 21 -21.33 -10.97 17.06
C GLY B 21 -21.02 -9.54 17.43
N LEU B 22 -20.54 -9.36 18.68
CA LEU B 22 -20.13 -8.07 19.25
C LEU B 22 -18.74 -7.69 18.77
N VAL B 23 -18.54 -6.40 18.56
CA VAL B 23 -17.27 -5.83 18.12
C VAL B 23 -16.66 -5.05 19.28
N HIS B 24 -15.45 -5.40 19.68
CA HIS B 24 -14.76 -4.75 20.77
C HIS B 24 -13.51 -4.01 20.30
N LEU B 25 -13.15 -2.91 20.99
CA LEU B 25 -11.88 -2.24 20.76
C LEU B 25 -10.89 -2.96 21.68
N GLY B 26 -9.73 -3.30 21.15
CA GLY B 26 -8.71 -3.95 21.96
C GLY B 26 -7.30 -3.65 21.52
N TYR B 27 -6.33 -4.04 22.34
CA TYR B 27 -4.92 -3.87 21.98
C TYR B 27 -4.33 -5.22 21.64
N TRP B 28 -3.58 -5.27 20.55
CA TRP B 28 -2.90 -6.49 20.13
C TRP B 28 -1.41 -6.24 20.29
N LEU B 29 -0.76 -7.04 21.15
CA LEU B 29 0.67 -6.97 21.46
C LEU B 29 1.41 -7.80 20.42
N ASN B 30 1.95 -7.13 19.40
CA ASN B 30 2.65 -7.80 18.31
C ASN B 30 4.17 -7.66 18.43
N LYS B 31 4.88 -8.81 18.36
CA LYS B 31 6.34 -8.90 18.40
C LYS B 31 6.80 -8.87 16.93
N ASP B 32 7.20 -7.68 16.45
CA ASP B 32 7.62 -7.48 15.08
C ASP B 32 9.14 -7.37 14.93
N LYS B 33 9.67 -7.96 13.84
CA LYS B 33 11.10 -7.91 13.54
C LYS B 33 11.46 -6.50 13.06
N VAL B 34 12.58 -5.96 13.57
CA VAL B 34 13.10 -4.63 13.24
C VAL B 34 14.64 -4.65 13.13
N ALA B 35 15.22 -3.57 12.58
CA ALA B 35 16.67 -3.36 12.47
C ALA B 35 16.97 -2.11 13.28
N ILE B 36 17.78 -2.26 14.32
CA ILE B 36 18.11 -1.18 15.22
C ILE B 36 19.50 -0.62 14.91
N LYS B 37 19.54 0.55 14.24
CA LYS B 37 20.79 1.21 13.87
C LYS B 37 21.26 2.19 14.95
N THR B 38 22.29 1.78 15.71
CA THR B 38 22.91 2.56 16.79
C THR B 38 23.75 3.74 16.23
N ILE B 39 23.89 4.83 17.04
CA ILE B 39 24.62 6.10 16.80
C ILE B 39 25.55 6.08 15.55
N GLU B 47 17.75 17.62 19.70
CA GLU B 47 16.94 17.88 18.52
C GLU B 47 17.70 17.69 17.21
N ASP B 48 19.05 17.71 17.29
CA ASP B 48 20.00 17.53 16.17
C ASP B 48 19.75 16.25 15.35
N PHE B 49 19.28 15.17 16.02
CA PHE B 49 18.96 13.87 15.42
C PHE B 49 17.63 13.36 15.99
N ILE B 50 16.64 14.28 16.16
CA ILE B 50 15.29 14.02 16.67
C ILE B 50 14.26 14.55 15.65
N GLU B 51 14.54 15.74 15.07
CA GLU B 51 13.71 16.40 14.05
C GLU B 51 13.70 15.60 12.74
N GLU B 52 14.90 15.14 12.30
CA GLU B 52 15.13 14.34 11.10
C GLU B 52 14.26 13.08 11.02
N ALA B 53 13.90 12.52 12.19
CA ALA B 53 13.07 11.31 12.34
C ALA B 53 11.66 11.47 11.77
N GLU B 54 10.97 12.60 12.09
CA GLU B 54 9.62 12.90 11.62
C GLU B 54 9.64 13.18 10.11
N VAL B 55 10.70 13.87 9.64
CA VAL B 55 10.94 14.21 8.24
C VAL B 55 11.09 12.91 7.42
N MET B 56 11.87 11.94 7.96
CA MET B 56 12.11 10.64 7.33
C MET B 56 10.87 9.74 7.40
N MET B 57 10.08 9.83 8.49
CA MET B 57 8.88 9.01 8.70
C MET B 57 7.76 9.36 7.72
N LYS B 58 7.68 10.62 7.29
CA LYS B 58 6.70 11.10 6.31
C LYS B 58 6.99 10.50 4.91
N LEU B 59 8.25 10.07 4.68
CA LEU B 59 8.73 9.45 3.43
C LEU B 59 8.35 7.98 3.34
N SER B 60 7.06 7.70 3.09
CA SER B 60 6.57 6.33 3.02
C SER B 60 6.33 5.84 1.61
N HIS B 61 6.89 4.66 1.29
CA HIS B 61 6.71 4.01 0.00
C HIS B 61 6.96 2.50 0.11
N PRO B 62 6.18 1.64 -0.59
CA PRO B 62 6.43 0.19 -0.52
C PRO B 62 7.83 -0.25 -0.91
N LYS B 63 8.59 0.56 -1.67
CA LYS B 63 9.93 0.20 -2.14
C LYS B 63 11.07 0.95 -1.43
N LEU B 64 10.78 1.51 -0.24
CA LEU B 64 11.72 2.20 0.62
C LEU B 64 11.76 1.54 1.98
N VAL B 65 12.96 1.37 2.56
CA VAL B 65 13.11 0.76 3.88
C VAL B 65 12.58 1.77 4.89
N GLN B 66 11.44 1.43 5.51
CA GLN B 66 10.73 2.31 6.43
C GLN B 66 11.37 2.46 7.80
N LEU B 67 11.29 3.69 8.32
CA LEU B 67 11.72 4.05 9.67
C LEU B 67 10.43 4.00 10.52
N TYR B 68 10.53 3.39 11.72
CA TYR B 68 9.37 3.24 12.60
C TYR B 68 9.41 4.21 13.78
N GLY B 69 10.60 4.65 14.17
CA GLY B 69 10.81 5.59 15.26
C GLY B 69 12.24 5.71 15.74
N VAL B 70 12.45 6.44 16.86
CA VAL B 70 13.77 6.67 17.46
C VAL B 70 13.76 6.44 18.98
N CYS B 71 14.77 5.72 19.51
CA CYS B 71 14.94 5.46 20.95
C CYS B 71 15.88 6.52 21.55
N LEU B 72 15.42 7.25 22.59
CA LEU B 72 16.17 8.38 23.15
C LEU B 72 16.46 8.38 24.67
N GLU B 73 16.12 7.31 25.42
CA GLU B 73 16.40 7.27 26.86
C GLU B 73 17.86 6.90 27.17
N GLN B 74 18.79 7.73 26.65
CA GLN B 74 20.25 7.66 26.76
C GLN B 74 20.82 6.29 26.28
N ALA B 75 21.95 5.82 26.89
CA ALA B 75 22.66 4.58 26.59
C ALA B 75 22.87 4.41 25.05
N PRO B 76 22.57 3.30 24.32
CA PRO B 76 22.81 3.34 22.87
C PRO B 76 21.68 4.06 22.13
N ILE B 77 21.96 5.32 21.69
CA ILE B 77 21.02 6.17 20.95
C ILE B 77 20.83 5.49 19.59
N CYS B 78 19.58 5.16 19.23
CA CYS B 78 19.32 4.38 18.02
C CYS B 78 18.05 4.74 17.26
N LEU B 79 18.00 4.32 15.99
CA LEU B 79 16.89 4.48 15.06
C LEU B 79 16.33 3.09 14.76
N VAL B 80 14.99 2.98 14.73
CA VAL B 80 14.29 1.70 14.49
C VAL B 80 13.81 1.64 13.04
N PHE B 81 14.34 0.68 12.26
CA PHE B 81 14.00 0.47 10.86
C PHE B 81 13.29 -0.85 10.61
N GLU B 82 12.61 -0.94 9.47
CA GLU B 82 11.91 -2.11 8.93
C GLU B 82 12.94 -3.22 8.73
N PHE B 83 12.61 -4.45 9.14
CA PHE B 83 13.52 -5.59 8.95
C PHE B 83 13.41 -6.13 7.52
N MET B 84 14.57 -6.40 6.89
CA MET B 84 14.64 -6.91 5.53
C MET B 84 15.21 -8.31 5.58
N GLU B 85 14.32 -9.30 5.42
CA GLU B 85 14.53 -10.74 5.55
C GLU B 85 15.86 -11.31 4.98
N HIS B 86 16.38 -10.79 3.84
CA HIS B 86 17.59 -11.38 3.24
C HIS B 86 18.84 -10.45 3.14
N GLY B 87 18.88 -9.40 3.95
CA GLY B 87 20.02 -8.49 3.99
C GLY B 87 20.26 -7.67 2.74
N CYS B 88 21.52 -7.20 2.55
CA CYS B 88 21.88 -6.32 1.43
C CYS B 88 21.93 -7.04 0.08
N LEU B 89 21.50 -6.32 -0.97
CA LEU B 89 21.42 -6.74 -2.37
C LEU B 89 22.78 -7.14 -2.94
N SER B 90 23.87 -6.40 -2.64
CA SER B 90 25.22 -6.69 -3.13
C SER B 90 25.67 -8.10 -2.76
N ASP B 91 25.62 -8.46 -1.46
CA ASP B 91 26.00 -9.79 -0.97
C ASP B 91 25.04 -10.87 -1.48
N TYR B 92 23.71 -10.56 -1.53
CA TYR B 92 22.64 -11.43 -2.03
C TYR B 92 22.92 -11.89 -3.46
N LEU B 93 23.20 -10.93 -4.37
CA LEU B 93 23.54 -11.15 -5.79
C LEU B 93 24.75 -12.06 -5.91
N ARG B 94 25.78 -11.83 -5.08
CA ARG B 94 27.01 -12.61 -5.07
C ARG B 94 26.80 -14.06 -4.60
N THR B 95 26.01 -14.28 -3.51
CA THR B 95 25.79 -15.64 -3.01
C THR B 95 24.90 -16.46 -3.95
N GLN B 96 23.87 -15.83 -4.55
CA GLN B 96 22.96 -16.52 -5.48
C GLN B 96 23.40 -16.35 -6.94
N ARG B 97 24.70 -16.06 -7.19
CA ARG B 97 25.25 -15.87 -8.53
C ARG B 97 25.12 -17.13 -9.38
N GLY B 98 24.66 -16.96 -10.61
CA GLY B 98 24.43 -18.04 -11.57
C GLY B 98 23.02 -18.61 -11.53
N LEU B 99 22.24 -18.26 -10.47
CA LEU B 99 20.87 -18.72 -10.24
C LEU B 99 19.79 -17.74 -10.71
N PHE B 100 20.18 -16.52 -11.11
CA PHE B 100 19.23 -15.49 -11.53
C PHE B 100 18.82 -15.56 -12.99
N ALA B 101 17.52 -15.28 -13.22
CA ALA B 101 16.85 -15.16 -14.51
C ALA B 101 16.86 -13.67 -14.85
N ALA B 102 17.02 -13.30 -16.14
CA ALA B 102 17.07 -11.90 -16.57
C ALA B 102 15.88 -11.06 -16.08
N GLU B 103 14.67 -11.65 -16.10
CA GLU B 103 13.40 -11.05 -15.68
C GLU B 103 13.39 -10.74 -14.19
N THR B 104 14.04 -11.60 -13.37
CA THR B 104 14.15 -11.42 -11.91
C THR B 104 15.06 -10.23 -11.67
N LEU B 105 16.11 -10.11 -12.49
CA LEU B 105 17.09 -9.03 -12.43
C LEU B 105 16.50 -7.68 -12.90
N LEU B 106 15.63 -7.69 -13.96
CA LEU B 106 14.97 -6.47 -14.43
C LEU B 106 13.98 -5.99 -13.34
N GLY B 107 13.28 -6.94 -12.71
CA GLY B 107 12.36 -6.65 -11.63
C GLY B 107 13.03 -6.06 -10.40
N MET B 108 14.34 -6.33 -10.23
CA MET B 108 15.11 -5.77 -9.12
C MET B 108 15.39 -4.30 -9.36
N CYS B 109 15.73 -3.95 -10.61
CA CYS B 109 16.02 -2.58 -11.04
C CYS B 109 14.75 -1.74 -11.06
N LEU B 110 13.62 -2.35 -11.49
CA LEU B 110 12.30 -1.73 -11.50
C LEU B 110 11.91 -1.36 -10.07
N ASP B 111 12.14 -2.30 -9.10
CA ASP B 111 11.88 -2.09 -7.67
C ASP B 111 12.57 -0.83 -7.15
N VAL B 112 13.90 -0.72 -7.40
CA VAL B 112 14.73 0.42 -6.98
C VAL B 112 14.24 1.72 -7.63
N CYS B 113 13.95 1.69 -8.95
CA CYS B 113 13.45 2.85 -9.69
C CYS B 113 12.10 3.37 -9.15
N GLU B 114 11.20 2.47 -8.70
CA GLU B 114 9.90 2.85 -8.11
C GLU B 114 10.12 3.74 -6.88
N GLY B 115 10.99 3.32 -5.95
CA GLY B 115 11.31 4.06 -4.73
C GLY B 115 12.03 5.36 -5.01
N MET B 116 12.93 5.33 -5.99
CA MET B 116 13.73 6.46 -6.43
C MET B 116 12.88 7.53 -7.12
N ALA B 117 11.80 7.13 -7.81
CA ALA B 117 10.86 8.06 -8.44
C ALA B 117 10.08 8.79 -7.35
N TYR B 118 9.86 8.10 -6.20
CA TYR B 118 9.17 8.64 -5.04
C TYR B 118 10.09 9.65 -4.34
N LEU B 119 11.38 9.33 -4.20
CA LEU B 119 12.32 10.23 -3.54
C LEU B 119 12.54 11.50 -4.37
N GLU B 120 12.60 11.34 -5.71
CA GLU B 120 12.77 12.39 -6.72
C GLU B 120 11.62 13.39 -6.60
N GLU B 121 10.37 12.87 -6.48
CA GLU B 121 9.13 13.64 -6.33
C GLU B 121 9.14 14.42 -5.01
N ALA B 122 9.61 13.79 -3.92
CA ALA B 122 9.72 14.42 -2.60
C ALA B 122 10.90 15.41 -2.50
N CYS B 123 11.70 15.53 -3.58
CA CYS B 123 12.90 16.38 -3.70
C CYS B 123 14.05 15.93 -2.78
N VAL B 124 14.10 14.61 -2.45
CA VAL B 124 15.14 14.01 -1.61
C VAL B 124 16.25 13.45 -2.51
N ILE B 125 17.52 13.82 -2.21
CA ILE B 125 18.71 13.35 -2.94
C ILE B 125 19.35 12.23 -2.11
N HIS B 126 19.62 11.08 -2.75
CA HIS B 126 20.21 9.93 -2.07
C HIS B 126 21.69 10.14 -1.77
N ARG B 127 22.48 10.48 -2.83
CA ARG B 127 23.92 10.74 -2.83
C ARG B 127 24.79 9.46 -2.75
N ASP B 128 24.20 8.31 -2.39
CA ASP B 128 24.95 7.05 -2.29
C ASP B 128 24.13 5.85 -2.76
N LEU B 129 23.52 5.97 -3.94
CA LEU B 129 22.72 4.87 -4.45
C LEU B 129 23.59 3.77 -5.07
N ALA B 130 23.71 2.65 -4.36
CA ALA B 130 24.47 1.47 -4.77
C ALA B 130 23.77 0.23 -4.23
N ALA B 131 24.04 -0.96 -4.81
CA ALA B 131 23.44 -2.23 -4.37
C ALA B 131 23.67 -2.51 -2.87
N ARG B 132 24.87 -2.18 -2.34
CA ARG B 132 25.23 -2.34 -0.91
C ARG B 132 24.28 -1.54 0.02
N ASN B 133 23.58 -0.53 -0.53
CA ASN B 133 22.62 0.31 0.21
C ASN B 133 21.17 -0.10 -0.08
N CYS B 134 20.99 -1.25 -0.74
CA CYS B 134 19.67 -1.78 -1.08
C CYS B 134 19.53 -3.09 -0.38
N LEU B 135 18.31 -3.37 0.10
CA LEU B 135 18.01 -4.56 0.88
C LEU B 135 16.92 -5.42 0.28
N VAL B 136 17.03 -6.74 0.51
CA VAL B 136 16.12 -7.77 0.02
C VAL B 136 15.07 -8.13 1.08
N GLY B 137 13.80 -8.14 0.68
CA GLY B 137 12.68 -8.49 1.53
C GLY B 137 11.93 -9.71 1.03
N GLU B 138 10.68 -9.86 1.52
CA GLU B 138 9.76 -10.94 1.18
C GLU B 138 9.46 -10.98 -0.34
N ASN B 139 9.57 -12.18 -0.94
CA ASN B 139 9.34 -12.47 -2.36
C ASN B 139 10.39 -11.79 -3.28
N GLN B 140 11.66 -11.73 -2.79
CA GLN B 140 12.82 -11.14 -3.47
C GLN B 140 12.63 -9.66 -3.87
N VAL B 141 11.71 -8.94 -3.20
CA VAL B 141 11.41 -7.53 -3.42
C VAL B 141 12.58 -6.69 -2.92
N ILE B 142 13.02 -5.73 -3.73
CA ILE B 142 14.14 -4.86 -3.35
C ILE B 142 13.62 -3.50 -2.87
N LYS B 143 14.21 -3.00 -1.78
CA LYS B 143 13.89 -1.70 -1.18
C LYS B 143 15.18 -0.89 -0.97
N VAL B 144 15.07 0.43 -1.12
CA VAL B 144 16.20 1.37 -0.98
C VAL B 144 16.35 1.81 0.49
N SER B 145 17.59 1.97 0.96
CA SER B 145 17.88 2.43 2.32
C SER B 145 19.03 3.45 2.35
N ASP B 146 19.39 3.95 3.55
CA ASP B 146 20.46 4.93 3.81
C ASP B 146 20.21 6.30 3.12
N PHE B 147 18.94 6.69 2.96
CA PHE B 147 18.55 7.97 2.37
C PHE B 147 18.26 8.99 3.48
N GLY B 148 18.79 10.20 3.30
CA GLY B 148 18.65 11.31 4.25
C GLY B 148 19.86 11.46 5.15
N PRO B 167 34.33 5.87 -3.43
CA PRO B 167 32.90 5.97 -3.79
C PRO B 167 32.69 6.47 -5.22
N VAL B 168 33.81 6.76 -5.91
CA VAL B 168 33.95 7.31 -7.26
C VAL B 168 33.20 6.51 -8.34
N LYS B 169 33.21 5.17 -8.21
CA LYS B 169 32.59 4.22 -9.16
C LYS B 169 31.11 4.50 -9.46
N TRP B 170 30.39 5.16 -8.52
CA TRP B 170 28.96 5.50 -8.60
C TRP B 170 28.74 6.99 -8.84
N ALA B 171 29.82 7.80 -8.74
CA ALA B 171 29.75 9.24 -8.89
C ALA B 171 29.65 9.73 -10.34
N SER B 172 28.76 10.71 -10.57
CA SER B 172 28.58 11.30 -11.89
C SER B 172 29.70 12.34 -12.12
N PRO B 173 30.04 12.71 -13.38
CA PRO B 173 31.09 13.72 -13.61
C PRO B 173 31.00 15.00 -12.76
N GLU B 174 29.78 15.53 -12.51
CA GLU B 174 29.58 16.74 -11.68
C GLU B 174 29.88 16.47 -10.22
N VAL B 175 29.69 15.22 -9.78
CA VAL B 175 29.92 14.83 -8.39
C VAL B 175 31.42 14.65 -8.12
N PHE B 176 32.15 13.97 -9.02
CA PHE B 176 33.58 13.80 -8.79
C PHE B 176 34.39 15.06 -9.16
N SER B 177 33.80 16.00 -9.95
CA SER B 177 34.49 17.23 -10.33
C SER B 177 34.10 18.44 -9.47
N PHE B 178 32.79 18.73 -9.37
CA PHE B 178 32.25 19.91 -8.69
C PHE B 178 31.42 19.60 -7.47
N SER B 179 31.37 18.31 -7.03
CA SER B 179 30.59 17.82 -5.88
C SER B 179 29.10 18.28 -5.93
N ARG B 180 28.54 18.31 -7.16
CA ARG B 180 27.19 18.76 -7.49
C ARG B 180 26.16 17.60 -7.50
N TYR B 181 25.51 17.39 -6.34
CA TYR B 181 24.50 16.36 -6.13
C TYR B 181 23.11 16.87 -6.50
N SER B 182 22.38 16.07 -7.26
CA SER B 182 21.01 16.32 -7.70
C SER B 182 20.31 14.97 -7.92
N SER B 183 19.02 14.97 -8.32
CA SER B 183 18.33 13.72 -8.60
C SER B 183 18.93 13.05 -9.85
N LYS B 184 19.46 13.86 -10.78
CA LYS B 184 20.12 13.37 -11.99
C LYS B 184 21.49 12.70 -11.70
N SER B 185 22.19 13.14 -10.63
CA SER B 185 23.47 12.51 -10.20
C SER B 185 23.14 11.10 -9.67
N ASP B 186 21.95 10.98 -9.00
CA ASP B 186 21.39 9.73 -8.48
C ASP B 186 21.02 8.78 -9.65
N VAL B 187 20.66 9.36 -10.84
CA VAL B 187 20.33 8.62 -12.06
C VAL B 187 21.60 7.93 -12.55
N TRP B 188 22.75 8.64 -12.51
CA TRP B 188 24.02 8.03 -12.88
C TRP B 188 24.27 6.86 -11.91
N SER B 189 24.15 7.08 -10.57
CA SER B 189 24.30 6.02 -9.56
C SER B 189 23.42 4.77 -9.85
N PHE B 190 22.16 4.99 -10.31
CA PHE B 190 21.19 3.96 -10.68
C PHE B 190 21.66 3.15 -11.91
N GLY B 191 22.40 3.81 -12.82
CA GLY B 191 22.98 3.18 -14.01
C GLY B 191 24.04 2.18 -13.61
N VAL B 192 24.87 2.55 -12.63
CA VAL B 192 25.90 1.68 -12.07
C VAL B 192 25.21 0.53 -11.31
N LEU B 193 24.12 0.85 -10.54
CA LEU B 193 23.36 -0.13 -9.78
C LEU B 193 22.81 -1.20 -10.72
N MET B 194 22.10 -0.77 -11.80
CA MET B 194 21.55 -1.62 -12.85
C MET B 194 22.66 -2.57 -13.34
N TRP B 195 23.87 -2.01 -13.63
CA TRP B 195 25.05 -2.77 -14.04
C TRP B 195 25.38 -3.83 -12.97
N GLU B 196 25.49 -3.44 -11.68
CA GLU B 196 25.76 -4.39 -10.56
C GLU B 196 24.74 -5.54 -10.54
N VAL B 197 23.44 -5.23 -10.74
CA VAL B 197 22.35 -6.21 -10.76
C VAL B 197 22.52 -7.22 -11.92
N PHE B 198 22.69 -6.75 -13.15
CA PHE B 198 22.85 -7.63 -14.31
C PHE B 198 24.23 -8.33 -14.37
N SER B 199 25.24 -7.74 -13.70
CA SER B 199 26.58 -8.32 -13.59
C SER B 199 26.58 -9.38 -12.49
N GLU B 200 25.46 -9.46 -11.72
CA GLU B 200 25.24 -10.38 -10.62
C GLU B 200 26.19 -10.10 -9.44
N GLY B 201 26.31 -8.81 -9.09
CA GLY B 201 27.10 -8.31 -7.97
C GLY B 201 28.58 -8.04 -8.17
N LYS B 202 29.04 -7.91 -9.43
CA LYS B 202 30.45 -7.63 -9.74
C LYS B 202 30.85 -6.18 -9.40
N ILE B 203 32.12 -5.96 -9.04
CA ILE B 203 32.59 -4.62 -8.67
C ILE B 203 32.81 -3.81 -9.97
N PRO B 204 32.14 -2.64 -10.11
CA PRO B 204 32.34 -1.82 -11.34
C PRO B 204 33.75 -1.23 -11.36
N TYR B 205 34.42 -1.22 -12.54
CA TYR B 205 35.81 -0.74 -12.69
C TYR B 205 36.67 -1.44 -11.59
N GLU B 206 36.62 -2.79 -11.56
CA GLU B 206 37.26 -3.65 -10.54
C GLU B 206 38.73 -3.32 -10.25
N ASN B 207 39.58 -3.23 -11.28
CA ASN B 207 41.02 -3.02 -11.06
C ASN B 207 41.59 -1.71 -11.63
N ARG B 208 40.80 -0.63 -11.53
CA ARG B 208 41.18 0.72 -11.97
C ARG B 208 41.11 1.61 -10.75
N SER B 209 42.11 2.51 -10.58
CA SER B 209 42.14 3.43 -9.44
C SER B 209 41.08 4.54 -9.59
N ASN B 210 40.89 5.34 -8.53
CA ASN B 210 39.97 6.47 -8.50
C ASN B 210 40.34 7.52 -9.55
N SER B 211 41.65 7.70 -9.79
CA SER B 211 42.14 8.64 -10.81
C SER B 211 41.85 8.10 -12.22
N GLU B 212 42.06 6.78 -12.43
CA GLU B 212 41.80 6.08 -13.69
C GLU B 212 40.32 6.21 -14.07
N VAL B 213 39.40 5.93 -13.12
CA VAL B 213 37.95 6.03 -13.32
C VAL B 213 37.56 7.44 -13.76
N VAL B 214 38.16 8.47 -13.12
CA VAL B 214 37.91 9.88 -13.42
C VAL B 214 38.36 10.17 -14.84
N GLU B 215 39.58 9.70 -15.20
CA GLU B 215 40.23 9.86 -16.50
C GLU B 215 39.41 9.16 -17.61
N ASP B 216 39.19 7.84 -17.48
CA ASP B 216 38.43 6.99 -18.42
C ASP B 216 37.04 7.53 -18.73
N ILE B 217 36.21 7.86 -17.70
CA ILE B 217 34.85 8.39 -17.89
C ILE B 217 34.90 9.72 -18.63
N SER B 218 35.78 10.64 -18.20
CA SER B 218 35.98 11.97 -18.79
C SER B 218 36.28 11.94 -20.30
N THR B 219 36.76 10.78 -20.81
CA THR B 219 37.10 10.60 -22.23
C THR B 219 36.02 9.80 -23.03
N GLY B 220 34.86 9.59 -22.41
CA GLY B 220 33.72 8.91 -23.05
C GLY B 220 33.52 7.43 -22.77
N PHE B 221 34.49 6.77 -22.08
CA PHE B 221 34.43 5.33 -21.74
C PHE B 221 33.34 5.03 -20.72
N ARG B 222 32.63 3.91 -20.93
CA ARG B 222 31.54 3.43 -20.07
C ARG B 222 31.70 1.94 -19.74
N LEU B 223 31.01 1.48 -18.67
CA LEU B 223 31.04 0.07 -18.26
C LEU B 223 30.53 -0.83 -19.37
N TYR B 224 31.17 -2.00 -19.57
CA TYR B 224 30.79 -2.98 -20.59
C TYR B 224 29.40 -3.55 -20.33
N LYS B 225 28.73 -4.00 -21.39
CA LYS B 225 27.40 -4.61 -21.29
C LYS B 225 27.48 -5.95 -20.56
N PRO B 226 26.79 -6.12 -19.41
CA PRO B 226 26.79 -7.42 -18.73
C PRO B 226 26.03 -8.45 -19.56
N ARG B 227 26.45 -9.71 -19.51
CA ARG B 227 25.90 -10.85 -20.27
C ARG B 227 24.37 -10.96 -20.16
N LEU B 228 23.83 -10.99 -18.92
CA LEU B 228 22.39 -11.13 -18.68
C LEU B 228 21.55 -9.94 -19.14
N ALA B 229 22.16 -8.77 -19.28
CA ALA B 229 21.48 -7.56 -19.74
C ALA B 229 21.25 -7.60 -21.27
N SER B 230 20.10 -7.09 -21.71
CA SER B 230 19.78 -6.99 -23.14
C SER B 230 20.40 -5.70 -23.68
N THR B 231 20.53 -5.56 -25.03
CA THR B 231 21.09 -4.34 -25.64
C THR B 231 20.18 -3.15 -25.35
N HIS B 232 18.88 -3.45 -25.24
CA HIS B 232 17.79 -2.52 -24.92
C HIS B 232 18.08 -1.93 -23.51
N VAL B 233 18.30 -2.80 -22.50
CA VAL B 233 18.63 -2.48 -21.11
C VAL B 233 19.94 -1.67 -21.04
N TYR B 234 20.96 -2.12 -21.81
CA TYR B 234 22.25 -1.45 -21.87
C TYR B 234 22.14 -0.01 -22.37
N GLN B 235 21.20 0.26 -23.31
CA GLN B 235 20.92 1.60 -23.84
C GLN B 235 20.41 2.50 -22.71
N ILE B 236 19.59 1.94 -21.76
CA ILE B 236 19.04 2.67 -20.60
C ILE B 236 20.19 3.08 -19.70
N MET B 237 21.07 2.13 -19.34
CA MET B 237 22.28 2.32 -18.53
C MET B 237 23.11 3.45 -19.16
N ASN B 238 23.29 3.42 -20.49
CA ASN B 238 24.03 4.44 -21.22
C ASN B 238 23.38 5.84 -21.13
N HIS B 239 22.03 5.92 -21.14
CA HIS B 239 21.28 7.18 -21.01
C HIS B 239 21.48 7.76 -19.61
N CYS B 240 21.55 6.88 -18.58
CA CYS B 240 21.83 7.24 -17.19
C CYS B 240 23.26 7.80 -17.09
N TRP B 241 24.13 7.37 -18.03
CA TRP B 241 25.52 7.76 -18.07
C TRP B 241 25.89 8.83 -19.12
N LYS B 242 25.05 9.85 -19.32
CA LYS B 242 25.38 10.97 -20.20
C LYS B 242 26.24 11.95 -19.40
N GLU B 243 27.27 12.56 -20.02
CA GLU B 243 28.17 13.52 -19.35
C GLU B 243 27.40 14.67 -18.68
N ARG B 244 26.39 15.23 -19.36
CA ARG B 244 25.57 16.33 -18.87
C ARG B 244 24.30 15.81 -18.17
N PRO B 245 23.99 16.26 -16.93
CA PRO B 245 22.80 15.72 -16.23
C PRO B 245 21.46 16.03 -16.89
N GLU B 246 21.37 17.14 -17.63
CA GLU B 246 20.18 17.59 -18.34
C GLU B 246 19.85 16.71 -19.55
N ASP B 247 20.80 15.84 -19.95
CA ASP B 247 20.69 14.87 -21.05
C ASP B 247 20.20 13.53 -20.52
N ARG B 248 20.39 13.29 -19.21
CA ARG B 248 20.01 12.06 -18.50
C ARG B 248 18.50 11.99 -18.27
N PRO B 249 17.88 10.80 -18.26
CA PRO B 249 16.43 10.75 -17.97
C PRO B 249 16.13 10.78 -16.48
N ALA B 250 14.98 11.38 -16.12
CA ALA B 250 14.49 11.45 -14.75
C ALA B 250 13.96 10.06 -14.35
N PHE B 251 13.91 9.79 -13.04
CA PHE B 251 13.41 8.53 -12.51
C PHE B 251 11.95 8.27 -12.92
N SER B 252 11.14 9.33 -13.04
CA SER B 252 9.74 9.26 -13.49
C SER B 252 9.67 8.73 -14.93
N ARG B 253 10.66 9.12 -15.77
CA ARG B 253 10.75 8.64 -17.15
C ARG B 253 11.31 7.22 -17.16
N LEU B 254 12.36 6.95 -16.34
CA LEU B 254 12.97 5.62 -16.24
C LEU B 254 11.97 4.56 -15.80
N LEU B 255 11.11 4.88 -14.78
CA LEU B 255 10.08 4.01 -14.23
C LEU B 255 9.10 3.51 -15.29
N ARG B 256 8.46 4.43 -16.03
CA ARG B 256 7.50 4.10 -17.08
C ARG B 256 8.13 3.19 -18.15
N GLN B 257 9.42 3.43 -18.48
CA GLN B 257 10.18 2.64 -19.46
C GLN B 257 10.46 1.22 -18.98
N LEU B 258 10.95 1.09 -17.73
CA LEU B 258 11.28 -0.21 -17.12
C LEU B 258 10.04 -1.05 -16.87
N ALA B 259 8.92 -0.40 -16.43
CA ALA B 259 7.63 -1.07 -16.21
C ALA B 259 7.13 -1.68 -17.51
N GLU B 260 7.32 -0.96 -18.65
CA GLU B 260 6.91 -1.39 -19.98
C GLU B 260 7.60 -2.71 -20.36
N ILE B 261 8.96 -2.75 -20.29
CA ILE B 261 9.79 -3.92 -20.59
C ILE B 261 9.33 -5.12 -19.75
N ALA B 262 9.14 -4.91 -18.42
CA ALA B 262 8.71 -5.93 -17.46
C ALA B 262 7.39 -6.59 -17.83
N GLU B 263 6.34 -5.80 -18.14
CA GLU B 263 5.03 -6.34 -18.49
C GLU B 263 5.01 -6.95 -19.90
N SER B 264 5.77 -6.36 -20.84
CA SER B 264 5.87 -6.88 -22.21
C SER B 264 7.10 -7.80 -22.29
N GLY B 265 7.90 -7.66 -23.36
CA GLY B 265 9.11 -8.45 -23.57
C GLY B 265 10.27 -8.01 -22.70
#